data_6HNG
#
_entry.id   6HNG
#
_cell.length_a   1.000
_cell.length_b   1.000
_cell.length_c   1.000
_cell.angle_alpha   90.00
_cell.angle_beta   90.00
_cell.angle_gamma   90.00
#
_symmetry.space_group_name_H-M   'P 1'
#
_entity_poly.entity_id   1
_entity_poly.type   'polypeptide(L)'
_entity_poly.pdbx_seq_one_letter_code
;KLLKLLKKLLKLLK(NH2)
;
_entity_poly.pdbx_strand_id   A
#
# COMPACT_ATOMS: atom_id res chain seq x y z
N LYS A 1 -10.26 -2.74 3.15
CA LYS A 1 -10.29 -1.32 3.57
C LYS A 1 -9.16 -0.54 2.90
N LEU A 2 -9.34 0.79 2.77
CA LEU A 2 -8.38 1.65 2.09
C LEU A 2 -7.09 1.86 2.89
N LEU A 3 -6.96 1.24 4.06
CA LEU A 3 -5.78 1.35 4.89
C LEU A 3 -4.75 0.32 4.42
N LYS A 4 -5.20 -0.88 4.06
CA LYS A 4 -4.33 -1.91 3.53
C LYS A 4 -3.90 -1.55 2.11
N LEU A 5 -4.68 -0.68 1.45
CA LEU A 5 -4.33 -0.22 0.11
C LEU A 5 -3.03 0.57 0.15
N LEU A 6 -2.71 1.18 1.30
CA LEU A 6 -1.49 1.96 1.43
C LEU A 6 -0.27 1.04 1.47
N LYS A 7 -0.46 -0.20 1.93
CA LYS A 7 0.62 -1.19 1.96
C LYS A 7 0.77 -1.85 0.59
N LYS A 8 -0.33 -1.94 -0.17
CA LYS A 8 -0.31 -2.52 -1.51
C LYS A 8 0.40 -1.59 -2.49
N LEU A 9 0.38 -0.29 -2.22
CA LEU A 9 1.07 0.70 -3.06
C LEU A 9 2.50 0.95 -2.57
N LEU A 10 2.82 0.56 -1.33
CA LEU A 10 4.14 0.80 -0.75
C LEU A 10 5.18 -0.12 -1.39
N LYS A 11 4.80 -1.35 -1.74
CA LYS A 11 5.72 -2.31 -2.34
C LYS A 11 6.08 -1.91 -3.78
N LEU A 12 5.40 -0.89 -4.33
CA LEU A 12 5.68 -0.40 -5.67
C LEU A 12 6.79 0.66 -5.65
N LEU A 13 7.29 1.00 -4.45
CA LEU A 13 8.32 2.01 -4.29
C LEU A 13 9.42 1.54 -3.34
N LYS A 14 9.06 0.75 -2.32
CA LYS A 14 10.01 0.21 -1.37
C LYS A 14 10.46 -1.21 -1.76
N LYS A 1 -11.93 1.59 4.78
CA LYS A 1 -11.62 0.99 3.46
C LYS A 1 -10.33 1.58 2.90
N LEU A 2 -9.76 0.94 1.88
CA LEU A 2 -8.53 1.38 1.22
C LEU A 2 -7.36 1.56 2.19
N LEU A 3 -7.35 0.80 3.29
CA LEU A 3 -6.30 0.88 4.30
C LEU A 3 -5.16 -0.04 3.92
N LYS A 4 -5.49 -1.22 3.36
CA LYS A 4 -4.49 -2.16 2.87
C LYS A 4 -3.87 -1.63 1.58
N LEU A 5 -4.55 -0.69 0.91
CA LEU A 5 -4.02 -0.10 -0.30
C LEU A 5 -2.75 0.67 0.00
N LEU A 6 -2.62 1.18 1.23
CA LEU A 6 -1.44 1.93 1.62
C LEU A 6 -0.23 1.02 1.75
N LYS A 7 -0.47 -0.27 2.02
CA LYS A 7 0.61 -1.26 2.07
C LYS A 7 0.94 -1.77 0.66
N LYS A 8 -0.05 -1.79 -0.23
CA LYS A 8 0.13 -2.23 -1.60
C LYS A 8 0.94 -1.21 -2.39
N LEU A 9 0.75 0.08 -2.10
CA LEU A 9 1.50 1.15 -2.74
C LEU A 9 2.90 1.27 -2.13
N LEU A 10 3.09 0.76 -0.92
CA LEU A 10 4.40 0.80 -0.27
C LEU A 10 5.34 -0.18 -0.93
N LYS A 11 4.90 -1.42 -1.15
CA LYS A 11 5.73 -2.44 -1.77
C LYS A 11 5.91 -2.17 -3.27
N LEU A 12 5.10 -1.28 -3.84
CA LEU A 12 5.21 -0.89 -5.23
C LEU A 12 6.30 0.17 -5.42
N LEU A 13 6.52 0.99 -4.38
CA LEU A 13 7.52 2.06 -4.42
C LEU A 13 8.85 1.58 -3.85
N LYS A 14 8.82 0.80 -2.77
CA LYS A 14 10.02 0.27 -2.14
C LYS A 14 10.37 -1.12 -2.67
N LYS A 1 -10.39 0.67 7.71
CA LYS A 1 -10.87 0.72 6.31
C LYS A 1 -9.97 1.64 5.48
N LEU A 2 -9.76 1.27 4.21
CA LEU A 2 -8.95 2.05 3.27
C LEU A 2 -7.56 2.35 3.85
N LEU A 3 -6.92 1.32 4.41
CA LEU A 3 -5.58 1.43 4.99
C LEU A 3 -4.67 0.35 4.42
N LYS A 4 -5.23 -0.82 4.07
CA LYS A 4 -4.44 -1.90 3.50
C LYS A 4 -3.96 -1.53 2.11
N LEU A 5 -4.68 -0.64 1.42
CA LEU A 5 -4.30 -0.19 0.09
C LEU A 5 -2.98 0.57 0.17
N LEU A 6 -2.68 1.19 1.31
CA LEU A 6 -1.48 1.99 1.46
C LEU A 6 -0.24 1.08 1.56
N LYS A 7 -0.43 -0.18 1.98
CA LYS A 7 0.64 -1.16 2.03
C LYS A 7 0.75 -1.87 0.68
N LYS A 8 -0.34 -1.95 -0.08
CA LYS A 8 -0.35 -2.58 -1.39
C LYS A 8 0.36 -1.70 -2.42
N LEU A 9 0.37 -0.38 -2.20
CA LEU A 9 1.05 0.55 -3.08
C LEU A 9 2.48 0.84 -2.61
N LEU A 10 2.81 0.48 -1.36
CA LEU A 10 4.14 0.71 -0.81
C LEU A 10 5.19 -0.15 -1.48
N LYS A 11 4.83 -1.38 -1.85
CA LYS A 11 5.78 -2.30 -2.47
C LYS A 11 6.17 -1.85 -3.88
N LEU A 12 5.46 -0.85 -4.41
CA LEU A 12 5.75 -0.31 -5.74
C LEU A 12 6.85 0.76 -5.67
N LEU A 13 7.33 1.07 -4.47
CA LEU A 13 8.36 2.09 -4.28
C LEU A 13 9.45 1.63 -3.30
N LYS A 14 9.07 0.79 -2.33
CA LYS A 14 10.02 0.20 -1.38
C LYS A 14 10.12 -1.31 -1.58
N LYS A 1 -10.50 -1.62 4.48
CA LYS A 1 -10.05 -1.93 3.12
C LYS A 1 -8.97 -0.96 2.63
N LEU A 2 -9.29 0.34 2.54
CA LEU A 2 -8.39 1.34 1.97
C LEU A 2 -7.15 1.60 2.84
N LEU A 3 -7.04 0.96 4.00
CA LEU A 3 -5.88 1.10 4.87
C LEU A 3 -4.79 0.12 4.43
N LYS A 4 -5.20 -1.09 4.03
CA LYS A 4 -4.28 -2.09 3.50
C LYS A 4 -3.83 -1.68 2.10
N LEU A 5 -4.61 -0.82 1.43
CA LEU A 5 -4.27 -0.35 0.11
C LEU A 5 -2.99 0.49 0.16
N LEU A 6 -2.71 1.11 1.32
CA LEU A 6 -1.53 1.94 1.47
C LEU A 6 -0.27 1.08 1.44
N LYS A 7 -0.38 -0.18 1.91
CA LYS A 7 0.72 -1.12 1.88
C LYS A 7 0.91 -1.69 0.48
N LYS A 8 -0.22 -1.96 -0.20
CA LYS A 8 -0.22 -2.47 -1.56
C LYS A 8 0.41 -1.48 -2.54
N LEU A 9 0.34 -0.19 -2.23
CA LEU A 9 0.95 0.84 -3.08
C LEU A 9 2.38 1.17 -2.62
N LEU A 10 2.72 0.83 -1.37
CA LEU A 10 4.04 1.12 -0.82
C LEU A 10 5.09 0.14 -1.37
N LYS A 11 4.68 -1.12 -1.60
CA LYS A 11 5.60 -2.14 -2.11
C LYS A 11 5.99 -1.85 -3.56
N LEU A 12 5.34 -0.88 -4.20
CA LEU A 12 5.65 -0.49 -5.57
C LEU A 12 6.85 0.45 -5.63
N LEU A 13 7.31 0.94 -4.47
CA LEU A 13 8.44 1.87 -4.40
C LEU A 13 9.47 1.42 -3.37
N LYS A 14 9.08 0.54 -2.44
CA LYS A 14 9.99 0.01 -1.42
C LYS A 14 10.38 -1.45 -1.73
N LYS A 1 -9.61 -3.22 1.70
CA LYS A 1 -9.86 -2.06 2.59
C LYS A 1 -8.83 -0.96 2.31
N LEU A 2 -9.27 0.29 2.36
CA LEU A 2 -8.44 1.44 1.97
C LEU A 2 -7.23 1.66 2.89
N LEU A 3 -7.14 0.95 4.02
CA LEU A 3 -6.01 1.10 4.92
C LEU A 3 -4.86 0.22 4.45
N LYS A 4 -5.19 -1.00 4.01
CA LYS A 4 -4.21 -1.90 3.44
C LYS A 4 -3.85 -1.50 2.02
N LEU A 5 -4.64 -0.62 1.40
CA LEU A 5 -4.35 -0.14 0.07
C LEU A 5 -3.05 0.66 0.08
N LEU A 6 -2.72 1.29 1.22
CA LEU A 6 -1.51 2.07 1.34
C LEU A 6 -0.30 1.15 1.41
N LYS A 7 -0.46 -0.05 1.98
CA LYS A 7 0.61 -1.04 2.05
C LYS A 7 0.75 -1.74 0.71
N LYS A 8 -0.39 -2.07 0.10
CA LYS A 8 -0.42 -2.71 -1.21
C LYS A 8 0.26 -1.85 -2.30
N LEU A 9 0.30 -0.53 -2.11
CA LEU A 9 0.96 0.36 -3.05
C LEU A 9 2.38 0.73 -2.61
N LEU A 10 2.73 0.45 -1.35
CA LEU A 10 4.06 0.78 -0.83
C LEU A 10 5.13 -0.11 -1.46
N LYS A 11 4.77 -1.34 -1.86
CA LYS A 11 5.72 -2.26 -2.46
C LYS A 11 6.18 -1.78 -3.84
N LEU A 12 5.50 -0.76 -4.40
CA LEU A 12 5.85 -0.21 -5.70
C LEU A 12 6.97 0.83 -5.57
N LEU A 13 7.31 1.23 -4.34
CA LEU A 13 8.34 2.23 -4.09
C LEU A 13 9.38 1.73 -3.08
N LYS A 14 9.15 0.55 -2.49
CA LYS A 14 10.07 -0.07 -1.53
C LYS A 14 10.47 -1.46 -1.98
N LYS A 1 -10.76 -1.96 3.62
CA LYS A 1 -10.59 -0.53 3.96
C LYS A 1 -9.40 0.05 3.18
N LEU A 2 -9.51 1.31 2.74
CA LEU A 2 -8.50 1.97 1.92
C LEU A 2 -7.17 2.23 2.64
N LEU A 3 -7.01 1.74 3.88
CA LEU A 3 -5.79 1.93 4.65
C LEU A 3 -4.80 0.82 4.30
N LYS A 4 -5.32 -0.39 4.08
CA LYS A 4 -4.49 -1.51 3.67
C LYS A 4 -4.04 -1.31 2.21
N LEU A 5 -4.76 -0.48 1.47
CA LEU A 5 -4.39 -0.19 0.09
C LEU A 5 -3.05 0.53 0.07
N LEU A 6 -2.72 1.27 1.15
CA LEU A 6 -1.47 2.00 1.22
C LEU A 6 -0.29 1.05 1.44
N LYS A 7 -0.57 -0.14 1.98
CA LYS A 7 0.46 -1.16 2.17
C LYS A 7 0.63 -2.00 0.92
N LYS A 8 -0.42 -2.11 0.09
CA LYS A 8 -0.35 -2.85 -1.16
C LYS A 8 0.35 -2.04 -2.25
N LEU A 9 0.36 -0.71 -2.12
CA LEU A 9 1.04 0.18 -3.07
C LEU A 9 2.46 0.50 -2.60
N LEU A 10 2.81 0.13 -1.36
CA LEU A 10 4.12 0.43 -0.80
C LEU A 10 5.22 -0.35 -1.53
N LYS A 11 4.89 -1.52 -2.07
CA LYS A 11 5.84 -2.35 -2.79
C LYS A 11 6.27 -1.71 -4.10
N LEU A 12 5.59 -0.64 -4.52
CA LEU A 12 5.91 0.06 -5.76
C LEU A 12 6.99 1.12 -5.54
N LEU A 13 7.33 1.41 -4.29
CA LEU A 13 8.33 2.42 -3.96
C LEU A 13 9.36 1.92 -2.96
N LYS A 14 9.20 0.68 -2.48
CA LYS A 14 10.15 0.04 -1.58
C LYS A 14 10.42 -1.39 -2.02
N LYS A 1 -11.44 -1.58 2.42
CA LYS A 1 -10.66 -1.26 1.88
C LYS A 1 -9.98 0.04 1.45
N LEU A 2 -9.16 0.62 2.32
CA LEU A 2 -8.45 1.86 2.01
C LEU A 2 -7.15 2.00 2.81
N LEU A 3 -7.03 1.35 3.96
CA LEU A 3 -5.84 1.46 4.80
C LEU A 3 -4.80 0.44 4.37
N LYS A 4 -5.24 -0.79 4.11
CA LYS A 4 -4.36 -1.84 3.60
C LYS A 4 -3.94 -1.53 2.17
N LEU A 5 -4.68 -0.65 1.50
CA LEU A 5 -4.34 -0.26 0.14
C LEU A 5 -3.01 0.52 0.16
N LEU A 6 -2.70 1.18 1.28
CA LEU A 6 -1.48 1.95 1.40
C LEU A 6 -0.26 1.02 1.47
N LYS A 7 -0.47 -0.22 1.95
CA LYS A 7 0.59 -1.21 2.01
C LYS A 7 0.73 -1.92 0.66
N LYS A 8 -0.35 -1.98 -0.11
CA LYS A 8 -0.35 -2.59 -1.43
C LYS A 8 0.34 -1.68 -2.45
N LEU A 9 0.35 -0.38 -2.19
CA LEU A 9 1.01 0.59 -3.06
C LEU A 9 2.42 0.90 -2.57
N LEU A 10 2.77 0.49 -1.34
CA LEU A 10 4.08 0.74 -0.78
C LEU A 10 5.15 -0.09 -1.47
N LYS A 11 4.82 -1.33 -1.85
CA LYS A 11 5.77 -2.24 -2.44
C LYS A 11 6.18 -1.79 -3.85
N LEU A 12 5.50 -0.78 -4.39
CA LEU A 12 5.79 -0.26 -5.72
C LEU A 12 6.99 0.69 -5.71
N LEU A 13 7.41 1.14 -4.53
CA LEU A 13 8.54 2.06 -4.40
C LEU A 13 9.51 1.64 -3.30
N LYS A 14 9.10 0.71 -2.44
CA LYS A 14 9.95 0.16 -1.37
C LYS A 14 10.02 -1.37 -1.47
N LYS A 1 -10.18 1.32 8.07
CA LYS A 1 -10.45 0.87 6.68
C LYS A 1 -9.57 1.63 5.70
N LEU A 2 -9.47 1.13 4.46
CA LEU A 2 -8.71 1.76 3.38
C LEU A 2 -7.24 2.01 3.76
N LEU A 3 -6.69 1.21 4.66
CA LEU A 3 -5.32 1.38 5.15
C LEU A 3 -4.42 0.32 4.52
N LYS A 4 -4.95 -0.90 4.32
CA LYS A 4 -4.20 -1.96 3.67
C LYS A 4 -3.93 -1.59 2.21
N LEU A 5 -4.77 -0.74 1.64
CA LEU A 5 -4.60 -0.30 0.26
C LEU A 5 -3.39 0.61 0.14
N LEU A 6 -2.90 1.16 1.26
CA LEU A 6 -1.72 2.00 1.24
C LEU A 6 -0.45 1.14 1.27
N LYS A 7 -0.53 -0.02 1.91
CA LYS A 7 0.59 -0.95 1.96
C LYS A 7 0.71 -1.73 0.65
N LYS A 8 -0.41 -1.87 -0.08
CA LYS A 8 -0.44 -2.55 -1.35
C LYS A 8 0.28 -1.73 -2.43
N LEU A 9 0.40 -0.41 -2.23
CA LEU A 9 1.09 0.46 -3.15
C LEU A 9 2.51 0.78 -2.67
N LEU A 10 2.82 0.47 -1.40
CA LEU A 10 4.13 0.75 -0.84
C LEU A 10 5.19 -0.16 -1.46
N LYS A 11 4.80 -1.36 -1.90
CA LYS A 11 5.74 -2.30 -2.50
C LYS A 11 6.21 -1.82 -3.88
N LEU A 12 5.57 -0.77 -4.42
CA LEU A 12 5.93 -0.21 -5.71
C LEU A 12 7.06 0.81 -5.59
N LEU A 13 7.43 1.19 -4.37
CA LEU A 13 8.48 2.18 -4.13
C LEU A 13 9.47 1.73 -3.06
N LYS A 14 9.24 0.55 -2.47
CA LYS A 14 10.14 -0.04 -1.49
C LYS A 14 10.35 -1.53 -1.77
N LYS A 1 -10.28 -2.82 5.07
CA LYS A 1 -10.26 -1.40 5.46
C LYS A 1 -9.44 -0.58 4.47
N LEU A 2 -9.73 0.72 4.38
CA LEU A 2 -9.07 1.64 3.45
C LEU A 2 -7.67 2.03 3.94
N LEU A 3 -6.89 1.06 4.43
CA LEU A 3 -5.54 1.30 4.91
C LEU A 3 -4.59 0.20 4.45
N LYS A 4 -5.12 -0.96 4.02
CA LYS A 4 -4.27 -2.03 3.49
C LYS A 4 -3.81 -1.68 2.08
N LEU A 5 -4.59 -0.86 1.36
CA LEU A 5 -4.21 -0.41 0.03
C LEU A 5 -2.95 0.42 0.12
N LEU A 6 -2.72 1.08 1.26
CA LEU A 6 -1.55 1.93 1.43
C LEU A 6 -0.28 1.09 1.45
N LYS A 7 -0.38 -0.18 1.88
CA LYS A 7 0.74 -1.11 1.89
C LYS A 7 0.95 -1.66 0.49
N LYS A 8 -0.15 -1.94 -0.21
CA LYS A 8 -0.10 -2.48 -1.57
C LYS A 8 0.43 -1.45 -2.57
N LEU A 9 0.38 -0.16 -2.22
CA LEU A 9 0.96 0.89 -3.05
C LEU A 9 2.40 1.19 -2.59
N LEU A 10 2.72 0.85 -1.34
CA LEU A 10 4.06 1.10 -0.79
C LEU A 10 5.07 0.09 -1.33
N LYS A 11 4.65 -1.16 -1.55
CA LYS A 11 5.55 -2.20 -2.03
C LYS A 11 5.99 -1.91 -3.47
N LEU A 12 5.37 -0.93 -4.13
CA LEU A 12 5.72 -0.55 -5.49
C LEU A 12 6.90 0.43 -5.52
N LEU A 13 7.18 1.08 -4.38
CA LEU A 13 8.27 2.05 -4.29
C LEU A 13 9.34 1.58 -3.30
N LYS A 14 9.08 0.48 -2.60
CA LYS A 14 10.02 -0.09 -1.64
C LYS A 14 10.19 -1.59 -1.89
N LYS A 1 -11.78 0.01 5.94
CA LYS A 1 -11.51 -0.46 4.57
C LYS A 1 -10.54 0.49 3.86
N LEU A 2 -9.98 0.04 2.73
CA LEU A 2 -9.07 0.82 1.91
C LEU A 2 -7.79 1.26 2.65
N LEU A 3 -7.36 0.49 3.66
CA LEU A 3 -6.15 0.78 4.41
C LEU A 3 -5.02 -0.13 3.96
N LYS A 4 -5.37 -1.36 3.57
CA LYS A 4 -4.41 -2.31 3.03
C LYS A 4 -3.82 -1.80 1.73
N LEU A 5 -4.56 -0.92 1.03
CA LEU A 5 -4.07 -0.34 -0.21
C LEU A 5 -2.87 0.57 0.06
N LEU A 6 -2.72 1.07 1.29
CA LEU A 6 -1.62 1.95 1.63
C LEU A 6 -0.32 1.15 1.70
N LYS A 7 -0.42 -0.15 1.99
CA LYS A 7 0.73 -1.04 2.01
C LYS A 7 1.00 -1.59 0.61
N LYS A 8 -0.05 -1.72 -0.21
CA LYS A 8 0.08 -2.20 -1.58
C LYS A 8 0.82 -1.18 -2.45
N LEU A 9 0.62 0.11 -2.16
CA LEU A 9 1.32 1.18 -2.87
C LEU A 9 2.71 1.42 -2.29
N LEU A 10 2.98 0.89 -1.08
CA LEU A 10 4.28 1.03 -0.46
C LEU A 10 5.27 0.06 -1.07
N LYS A 11 4.88 -1.21 -1.22
CA LYS A 11 5.74 -2.22 -1.80
C LYS A 11 5.93 -2.00 -3.30
N LEU A 12 5.11 -1.12 -3.90
CA LEU A 12 5.20 -0.79 -5.31
C LEU A 12 6.38 0.17 -5.55
N LEU A 13 6.84 0.86 -4.50
CA LEU A 13 7.92 1.84 -4.61
C LEU A 13 9.06 1.55 -3.65
N LYS A 14 8.96 0.46 -2.87
CA LYS A 14 10.00 0.02 -1.95
C LYS A 14 10.25 -1.47 -2.07
N LYS A 1 -12.49 -1.34 2.53
CA LYS A 1 -11.30 -0.92 3.27
C LYS A 1 -10.30 -0.25 2.33
N LEU A 2 -9.52 0.71 2.85
CA LEU A 2 -8.54 1.46 2.07
C LEU A 2 -7.23 1.65 2.86
N LEU A 3 -7.08 0.97 4.00
CA LEU A 3 -5.89 1.11 4.83
C LEU A 3 -4.82 0.13 4.35
N LYS A 4 -5.23 -1.09 4.00
CA LYS A 4 -4.30 -2.08 3.45
C LYS A 4 -3.86 -1.65 2.05
N LEU A 5 -4.62 -0.78 1.40
CA LEU A 5 -4.28 -0.29 0.08
C LEU A 5 -2.99 0.53 0.16
N LEU A 6 -2.71 1.13 1.32
CA LEU A 6 -1.52 1.95 1.48
C LEU A 6 -0.28 1.07 1.51
N LYS A 7 -0.42 -0.19 1.95
CA LYS A 7 0.68 -1.14 1.96
C LYS A 7 0.84 -1.79 0.58
N LYS A 8 -0.25 -1.89 -0.17
CA LYS A 8 -0.24 -2.46 -1.51
C LYS A 8 0.43 -1.51 -2.50
N LEU A 9 0.38 -0.21 -2.22
CA LEU A 9 1.03 0.80 -3.06
C LEU A 9 2.46 1.09 -2.58
N LEU A 10 2.77 0.77 -1.33
CA LEU A 10 4.10 1.03 -0.77
C LEU A 10 5.14 0.07 -1.34
N LYS A 11 4.74 -1.18 -1.62
CA LYS A 11 5.67 -2.16 -2.15
C LYS A 11 6.05 -1.86 -3.61
N LEU A 12 5.37 -0.89 -4.24
CA LEU A 12 5.67 -0.49 -5.60
C LEU A 12 6.86 0.47 -5.67
N LEU A 13 7.30 0.99 -4.52
CA LEU A 13 8.42 1.94 -4.46
C LEU A 13 9.39 1.60 -3.34
N LYS A 14 9.12 0.53 -2.58
CA LYS A 14 10.00 0.05 -1.52
C LYS A 14 10.16 -1.46 -1.59
N LYS A 1 -11.41 0.63 6.53
CA LYS A 1 -11.31 0.09 5.15
C LYS A 1 -10.36 0.96 4.33
N LEU A 2 -9.86 0.43 3.19
CA LEU A 2 -8.94 1.14 2.32
C LEU A 2 -7.61 1.50 2.99
N LEU A 3 -7.18 0.73 4.01
CA LEU A 3 -5.92 0.99 4.71
C LEU A 3 -4.85 0.02 4.22
N LYS A 4 -5.26 -1.21 3.89
CA LYS A 4 -4.36 -2.21 3.35
C LYS A 4 -3.84 -1.78 1.98
N LEU A 5 -4.59 -0.90 1.32
CA LEU A 5 -4.20 -0.40 0.00
C LEU A 5 -2.97 0.50 0.14
N LEU A 6 -2.72 1.03 1.33
CA LEU A 6 -1.57 1.90 1.55
C LEU A 6 -0.29 1.08 1.52
N LYS A 7 -0.37 -0.19 1.94
CA LYS A 7 0.77 -1.11 1.90
C LYS A 7 0.97 -1.60 0.47
N LYS A 8 -0.14 -1.87 -0.23
CA LYS A 8 -0.11 -2.34 -1.61
C LYS A 8 0.53 -1.31 -2.54
N LEU A 9 0.42 -0.01 -2.21
CA LEU A 9 1.03 1.05 -2.99
C LEU A 9 2.45 1.34 -2.51
N LEU A 10 2.78 0.96 -1.27
CA LEU A 10 4.11 1.20 -0.71
C LEU A 10 5.12 0.19 -1.26
N LYS A 11 4.70 -1.07 -1.42
CA LYS A 11 5.59 -2.13 -1.90
C LYS A 11 5.96 -1.94 -3.37
N LEU A 12 5.32 -0.99 -4.05
CA LEU A 12 5.61 -0.69 -5.44
C LEU A 12 6.86 0.18 -5.55
N LEU A 13 7.13 0.99 -4.52
CA LEU A 13 8.29 1.88 -4.49
C LEU A 13 9.38 1.30 -3.60
N LYS A 14 9.00 0.57 -2.54
CA LYS A 14 9.94 -0.04 -1.61
C LYS A 14 10.29 -1.48 -1.99
N LYS A 1 -10.84 -1.50 4.22
CA LYS A 1 -10.70 -0.08 4.57
C LYS A 1 -9.63 0.58 3.71
N LEU A 2 -9.71 1.90 3.54
CA LEU A 2 -8.80 2.68 2.71
C LEU A 2 -7.43 2.87 3.36
N LEU A 3 -6.89 1.82 4.00
CA LEU A 3 -5.57 1.86 4.61
C LEU A 3 -4.75 0.65 4.20
N LYS A 4 -5.39 -0.42 3.71
CA LYS A 4 -4.69 -1.58 3.19
C LYS A 4 -4.05 -1.24 1.85
N LEU A 5 -4.61 -0.24 1.14
CA LEU A 5 -4.06 0.19 -0.14
C LEU A 5 -2.70 0.85 0.08
N LEU A 6 -2.44 1.33 1.29
CA LEU A 6 -1.17 1.95 1.61
C LEU A 6 -0.05 0.91 1.68
N LYS A 7 -0.41 -0.34 2.01
CA LYS A 7 0.53 -1.45 2.04
C LYS A 7 0.65 -2.10 0.67
N LYS A 8 -0.40 -1.99 -0.15
CA LYS A 8 -0.38 -2.54 -1.50
C LYS A 8 0.52 -1.71 -2.42
N LEU A 9 0.63 -0.41 -2.14
CA LEU A 9 1.48 0.48 -2.92
C LEU A 9 2.90 0.55 -2.35
N LEU A 10 3.10 0.07 -1.11
CA LEU A 10 4.41 0.11 -0.48
C LEU A 10 5.41 -0.76 -1.24
N LYS A 11 4.97 -1.92 -1.70
CA LYS A 11 5.85 -2.85 -2.41
C LYS A 11 6.21 -2.32 -3.80
N LEU A 12 5.61 -1.21 -4.21
CA LEU A 12 5.91 -0.58 -5.50
C LEU A 12 6.67 0.72 -5.30
N LEU A 13 6.52 1.36 -4.12
CA LEU A 13 7.21 2.60 -3.81
C LEU A 13 8.59 2.32 -3.22
N LYS A 14 8.75 1.16 -2.57
CA LYS A 14 10.02 0.69 -2.04
C LYS A 14 10.27 -0.73 -2.52
N LYS A 1 -9.43 0.75 9.31
CA LYS A 1 -9.82 0.43 7.92
C LYS A 1 -9.15 1.38 6.94
N LEU A 2 -9.23 1.07 5.63
CA LEU A 2 -8.69 1.90 4.56
C LEU A 2 -7.21 2.24 4.78
N LEU A 3 -6.39 1.20 5.02
CA LEU A 3 -4.96 1.37 5.17
C LEU A 3 -4.19 0.23 4.52
N LYS A 4 -4.82 -0.93 4.29
CA LYS A 4 -4.17 -2.04 3.62
C LYS A 4 -3.90 -1.69 2.17
N LEU A 5 -4.71 -0.78 1.60
CA LEU A 5 -4.52 -0.33 0.22
C LEU A 5 -3.25 0.51 0.14
N LEU A 6 -2.80 1.08 1.27
CA LEU A 6 -1.60 1.89 1.28
C LEU A 6 -0.36 1.01 1.23
N LYS A 7 -0.42 -0.19 1.81
CA LYS A 7 0.69 -1.12 1.77
C LYS A 7 0.81 -1.76 0.39
N LYS A 8 -0.30 -1.86 -0.34
CA LYS A 8 -0.30 -2.39 -1.70
C LYS A 8 0.42 -1.43 -2.65
N LEU A 9 0.45 -0.14 -2.31
CA LEU A 9 1.14 0.86 -3.11
C LEU A 9 2.58 1.06 -2.63
N LEU A 10 2.84 0.85 -1.34
CA LEU A 10 4.17 1.05 -0.79
C LEU A 10 5.15 0.02 -1.32
N LYS A 11 4.70 -1.22 -1.57
CA LYS A 11 5.57 -2.28 -2.05
C LYS A 11 6.04 -2.03 -3.47
N LEU A 12 5.48 -1.02 -4.15
CA LEU A 12 5.91 -0.63 -5.49
C LEU A 12 7.05 0.38 -5.41
N LEU A 13 7.11 1.15 -4.32
CA LEU A 13 8.16 2.15 -4.11
C LEU A 13 9.33 1.55 -3.32
N LYS A 14 9.02 0.63 -2.41
CA LYS A 14 10.02 -0.04 -1.59
C LYS A 14 10.36 -1.42 -2.16
N LYS A 1 -10.44 -0.85 5.35
CA LYS A 1 -10.19 -1.33 3.97
C LYS A 1 -9.20 -0.44 3.22
N LEU A 2 -9.53 0.83 3.02
CA LEU A 2 -8.74 1.75 2.19
C LEU A 2 -7.36 2.08 2.79
N LEU A 3 -7.05 1.57 3.99
CA LEU A 3 -5.77 1.86 4.64
C LEU A 3 -4.77 0.77 4.30
N LYS A 4 -5.28 -0.46 4.11
CA LYS A 4 -4.47 -1.59 3.71
C LYS A 4 -4.01 -1.40 2.27
N LEU A 5 -4.74 -0.57 1.50
CA LEU A 5 -4.37 -0.29 0.13
C LEU A 5 -3.08 0.53 0.10
N LEU A 6 -2.76 1.22 1.20
CA LEU A 6 -1.53 2.00 1.28
C LEU A 6 -0.32 1.09 1.41
N LYS A 7 -0.52 -0.11 1.98
CA LYS A 7 0.53 -1.11 2.11
C LYS A 7 0.65 -1.92 0.82
N LYS A 8 -0.44 -2.02 0.05
CA LYS A 8 -0.45 -2.75 -1.21
C LYS A 8 0.30 -1.97 -2.30
N LEU A 9 0.35 -0.64 -2.18
CA LEU A 9 1.06 0.21 -3.13
C LEU A 9 2.46 0.54 -2.65
N LEU A 10 2.80 0.21 -1.40
CA LEU A 10 4.11 0.51 -0.83
C LEU A 10 5.20 -0.30 -1.53
N LYS A 11 4.85 -1.47 -2.06
CA LYS A 11 5.81 -2.33 -2.75
C LYS A 11 6.26 -1.73 -4.07
N LEU A 12 5.59 -0.66 -4.52
CA LEU A 12 5.93 0.01 -5.77
C LEU A 12 7.02 1.06 -5.57
N LEU A 13 7.38 1.36 -4.31
CA LEU A 13 8.38 2.37 -3.99
C LEU A 13 9.39 1.87 -2.97
N LYS A 14 9.20 0.65 -2.46
CA LYS A 14 10.13 0.03 -1.52
C LYS A 14 10.38 -1.44 -1.90
N LYS A 1 -10.67 -2.23 4.74
CA LYS A 1 -10.67 -0.81 5.14
C LYS A 1 -9.68 -0.02 4.28
N LEU A 2 -9.91 1.29 4.16
CA LEU A 2 -9.15 2.17 3.29
C LEU A 2 -7.78 2.54 3.86
N LEU A 3 -7.03 1.54 4.34
CA LEU A 3 -5.66 1.75 4.82
C LEU A 3 -4.76 0.58 4.43
N LYS A 4 -5.32 -0.58 4.07
CA LYS A 4 -4.53 -1.72 3.61
C LYS A 4 -4.00 -1.45 2.21
N LEU A 5 -4.73 -0.64 1.43
CA LEU A 5 -4.28 -0.31 0.07
C LEU A 5 -3.02 0.54 0.12
N LEU A 6 -2.74 1.17 1.27
CA LEU A 6 -1.54 1.98 1.41
C LEU A 6 -0.31 1.10 1.49
N LYS A 7 -0.47 -0.14 2.00
CA LYS A 7 0.61 -1.10 2.08
C LYS A 7 0.73 -1.89 0.77
N LYS A 8 -0.38 -2.00 0.04
CA LYS A 8 -0.39 -2.69 -1.24
C LYS A 8 0.32 -1.87 -2.32
N LEU A 9 0.34 -0.54 -2.16
CA LEU A 9 1.01 0.35 -3.10
C LEU A 9 2.43 0.67 -2.63
N LEU A 10 2.78 0.34 -1.38
CA LEU A 10 4.09 0.65 -0.82
C LEU A 10 5.18 -0.19 -1.51
N LYS A 11 4.82 -1.39 -1.97
CA LYS A 11 5.77 -2.29 -2.61
C LYS A 11 6.23 -1.75 -3.96
N LEU A 12 5.55 -0.72 -4.48
CA LEU A 12 5.89 -0.11 -5.76
C LEU A 12 7.01 0.91 -5.63
N LEU A 13 7.38 1.28 -4.39
CA LEU A 13 8.41 2.27 -4.13
C LEU A 13 9.41 1.81 -3.08
N LYS A 14 9.19 0.63 -2.49
CA LYS A 14 10.10 0.03 -1.51
C LYS A 14 10.31 -1.45 -1.82
N LYS A 1 -11.63 1.77 6.26
CA LYS A 1 -11.38 1.51 4.82
C LYS A 1 -10.32 2.46 4.28
N LEU A 2 -9.88 2.24 3.03
CA LEU A 2 -8.91 3.09 2.34
C LEU A 2 -7.59 3.25 3.11
N LEU A 3 -7.10 2.16 3.70
CA LEU A 3 -5.80 2.16 4.38
C LEU A 3 -4.99 0.90 4.08
N LYS A 4 -5.63 -0.16 3.56
CA LYS A 4 -4.91 -1.37 3.17
C LYS A 4 -4.17 -1.12 1.86
N LEU A 5 -4.66 -0.19 1.04
CA LEU A 5 -4.01 0.15 -0.21
C LEU A 5 -2.66 0.81 0.06
N LEU A 6 -2.49 1.39 1.26
CA LEU A 6 -1.25 2.05 1.62
C LEU A 6 -0.14 1.01 1.85
N LYS A 7 -0.52 -0.25 2.10
CA LYS A 7 0.42 -1.34 2.30
C LYS A 7 0.56 -2.16 1.02
N LYS A 8 -0.47 -2.19 0.18
CA LYS A 8 -0.46 -2.91 -1.07
C LYS A 8 0.34 -2.17 -2.14
N LEU A 9 0.39 -0.84 -2.06
CA LEU A 9 1.15 -0.02 -2.99
C LEU A 9 2.58 0.21 -2.50
N LEU A 10 2.87 -0.11 -1.23
CA LEU A 10 4.19 0.11 -0.66
C LEU A 10 5.25 -0.68 -1.40
N LYS A 11 4.88 -1.83 -1.96
CA LYS A 11 5.81 -2.69 -2.69
C LYS A 11 6.27 -2.02 -3.99
N LEU A 12 5.65 -0.89 -4.35
CA LEU A 12 6.02 -0.13 -5.54
C LEU A 12 6.85 1.10 -5.16
N LEU A 13 6.85 1.49 -3.88
CA LEU A 13 7.58 2.66 -3.43
C LEU A 13 8.99 2.31 -2.96
N LYS A 14 9.24 1.02 -2.73
CA LYS A 14 10.56 0.51 -2.41
C LYS A 14 10.75 -0.85 -3.07
N LYS A 1 -10.24 -1.81 6.30
CA LYS A 1 -10.00 -2.11 4.87
C LYS A 1 -9.22 -0.99 4.17
N LEU A 2 -9.73 0.25 4.23
CA LEU A 2 -9.17 1.39 3.50
C LEU A 2 -7.83 1.90 4.04
N LEU A 3 -6.99 1.00 4.59
CA LEU A 3 -5.66 1.35 5.04
C LEU A 3 -4.64 0.27 4.66
N LYS A 4 -5.11 -0.91 4.22
CA LYS A 4 -4.21 -1.97 3.75
C LYS A 4 -3.80 -1.69 2.31
N LEU A 5 -4.62 -0.93 1.57
CA LEU A 5 -4.30 -0.58 0.21
C LEU A 5 -3.10 0.36 0.18
N LEU A 6 -2.82 1.03 1.31
CA LEU A 6 -1.68 1.93 1.40
C LEU A 6 -0.37 1.12 1.37
N LYS A 7 -0.41 -0.12 1.88
CA LYS A 7 0.75 -1.01 1.87
C LYS A 7 0.90 -1.63 0.48
N LYS A 8 -0.24 -1.97 -0.14
CA LYS A 8 -0.26 -2.55 -1.48
C LYS A 8 0.30 -1.58 -2.52
N LEU A 9 0.24 -0.27 -2.26
CA LEU A 9 0.78 0.74 -3.16
C LEU A 9 2.19 1.15 -2.76
N LEU A 10 2.62 0.83 -1.53
CA LEU A 10 3.93 1.19 -1.02
C LEU A 10 5.01 0.24 -1.54
N LYS A 11 4.66 -1.03 -1.80
CA LYS A 11 5.62 -2.02 -2.26
C LYS A 11 6.08 -1.74 -3.70
N LEU A 12 5.49 -0.74 -4.36
CA LEU A 12 5.90 -0.33 -5.70
C LEU A 12 7.17 0.53 -5.62
N LEU A 13 7.52 1.03 -4.43
CA LEU A 13 8.67 1.90 -4.24
C LEU A 13 9.60 1.37 -3.17
N LYS A 14 9.15 0.40 -2.36
CA LYS A 14 9.96 -0.20 -1.31
C LYS A 14 10.23 -1.68 -1.61
N LYS A 1 -10.97 3.36 6.31
CA LYS A 1 -11.12 2.64 5.04
C LYS A 1 -9.82 2.66 4.24
N LEU A 2 -9.36 3.85 3.83
CA LEU A 2 -8.14 3.99 3.05
C LEU A 2 -6.91 3.79 3.93
N LEU A 3 -6.45 2.53 4.02
CA LEU A 3 -5.22 2.20 4.73
C LEU A 3 -4.59 0.91 4.21
N LYS A 4 -5.39 -0.03 3.70
CA LYS A 4 -4.84 -1.30 3.20
C LYS A 4 -4.17 -1.09 1.84
N LEU A 5 -4.60 -0.08 1.09
CA LEU A 5 -3.99 0.24 -0.19
C LEU A 5 -2.59 0.81 0.00
N LEU A 6 -2.28 1.30 1.21
CA LEU A 6 -0.96 1.85 1.49
C LEU A 6 0.06 0.72 1.60
N LYS A 7 -0.39 -0.48 2.01
CA LYS A 7 0.46 -1.64 2.08
C LYS A 7 0.69 -2.20 0.68
N LYS A 8 -0.37 -2.18 -0.13
CA LYS A 8 -0.29 -2.64 -1.52
C LYS A 8 0.62 -1.76 -2.37
N LEU A 9 0.77 -0.49 -2.00
CA LEU A 9 1.59 0.46 -2.74
C LEU A 9 3.01 0.47 -2.21
N LEU A 10 3.22 0.04 -0.96
CA LEU A 10 4.56 -0.05 -0.39
C LEU A 10 5.40 -1.04 -1.20
N LYS A 11 4.74 -2.00 -1.85
CA LYS A 11 5.39 -3.04 -2.63
C LYS A 11 5.88 -2.49 -3.98
N LEU A 12 5.71 -1.19 -4.22
CA LEU A 12 6.10 -0.57 -5.48
C LEU A 12 6.80 0.77 -5.23
N LEU A 13 6.43 1.48 -4.17
CA LEU A 13 7.06 2.75 -3.82
C LEU A 13 8.37 2.54 -3.09
N LYS A 14 8.63 1.30 -2.63
CA LYS A 14 9.89 0.92 -2.00
C LYS A 14 10.33 -0.43 -2.54
N LYS A 1 -10.19 -0.76 6.79
CA LYS A 1 -11.01 0.03 5.85
C LYS A 1 -10.13 0.94 5.00
N LEU A 2 -9.83 0.52 3.76
CA LEU A 2 -8.99 1.27 2.82
C LEU A 2 -7.64 1.66 3.44
N LEU A 3 -7.09 0.80 4.30
CA LEU A 3 -5.82 1.05 4.97
C LEU A 3 -4.76 0.07 4.46
N LYS A 4 -5.15 -1.17 4.12
CA LYS A 4 -4.23 -2.14 3.55
C LYS A 4 -3.80 -1.74 2.15
N LEU A 5 -4.59 -0.87 1.49
CA LEU A 5 -4.28 -0.41 0.15
C LEU A 5 -3.05 0.49 0.18
N LEU A 6 -2.71 1.07 1.34
CA LEU A 6 -1.54 1.92 1.44
C LEU A 6 -0.26 1.09 1.41
N LYS A 7 -0.34 -0.16 1.88
CA LYS A 7 0.79 -1.08 1.81
C LYS A 7 0.93 -1.63 0.40
N LYS A 8 -0.20 -1.92 -0.24
CA LYS A 8 -0.23 -2.44 -1.61
C LYS A 8 0.37 -1.45 -2.59
N LEU A 9 0.36 -0.15 -2.26
CA LEU A 9 0.96 0.88 -3.10
C LEU A 9 2.38 1.22 -2.66
N LEU A 10 2.72 0.92 -1.40
CA LEU A 10 4.06 1.20 -0.87
C LEU A 10 5.08 0.18 -1.38
N LYS A 11 4.66 -1.07 -1.60
CA LYS A 11 5.54 -2.11 -2.08
C LYS A 11 5.98 -1.86 -3.52
N LEU A 12 5.36 -0.88 -4.19
CA LEU A 12 5.70 -0.54 -5.56
C LEU A 12 6.92 0.39 -5.64
N LEU A 13 7.35 0.94 -4.50
CA LEU A 13 8.49 1.85 -4.44
C LEU A 13 9.45 1.50 -3.30
N LYS A 14 9.12 0.47 -2.51
CA LYS A 14 9.97 -0.03 -1.43
C LYS A 14 10.03 -1.56 -1.46
#